data_6NXL
#
_entry.id   6NXL
#
_cell.length_a   62.359
_cell.length_b   62.359
_cell.length_c   168.121
_cell.angle_alpha   90.00
_cell.angle_beta   90.00
_cell.angle_gamma   90.00
#
_symmetry.space_group_name_H-M   'P 41'
#
_entity_poly.entity_id   1
_entity_poly.type   'polypeptide(L)'
_entity_poly.pdbx_seq_one_letter_code
;GSGGSGMQIFVDTVQWKTITLEVEPSDTIENVKAKIQDKEGIPPDQQRLIFAGKQLEDGRTLSDYNIQKESALILLLTLR
;
_entity_poly.pdbx_strand_id   A,B,C,D,E,F,G,H
#
# COMPACT_ATOMS: atom_id res chain seq x y z
N GLY A 6 -7.38 31.21 21.52
CA GLY A 6 -7.13 29.80 21.28
C GLY A 6 -7.66 29.31 19.96
N MET A 7 -6.88 28.48 19.26
CA MET A 7 -7.28 27.90 17.99
C MET A 7 -7.00 26.40 17.98
N GLN A 8 -7.37 25.75 16.87
CA GLN A 8 -7.42 24.30 16.79
C GLN A 8 -6.88 23.78 15.46
N ILE A 9 -5.99 22.78 15.50
CA ILE A 9 -5.47 22.16 14.28
C ILE A 9 -5.54 20.63 14.40
N PHE A 10 -5.48 19.98 13.23
CA PHE A 10 -5.60 18.54 13.09
C PHE A 10 -4.33 17.95 12.51
N VAL A 11 -3.89 16.81 13.05
CA VAL A 11 -2.68 16.12 12.62
C VAL A 11 -3.04 14.68 12.25
N ASP A 12 -2.80 14.30 11.00
CA ASP A 12 -3.10 12.96 10.50
C ASP A 12 -1.83 12.11 10.47
N THR A 13 -1.89 10.93 11.05
CA THR A 13 -0.77 10.00 11.02
C THR A 13 -1.29 8.58 10.88
N VAL A 14 -0.52 7.74 10.20
CA VAL A 14 -0.85 6.33 10.01
C VAL A 14 0.02 5.48 10.91
N GLN A 15 -0.56 4.40 11.44
CA GLN A 15 0.25 3.40 12.14
C GLN A 15 -0.57 2.11 12.20
N TRP A 16 -0.31 1.26 13.19
CA TRP A 16 -1.09 0.03 13.36
C TRP A 16 -1.83 0.00 14.70
N LYS A 17 -2.65 -1.04 14.87
CA LYS A 17 -3.43 -1.29 16.08
C LYS A 17 -3.64 -2.81 16.29
N THR A 18 -3.62 -3.25 17.55
CA THR A 18 -3.71 -4.69 17.82
C THR A 18 -5.05 -5.02 18.43
N ILE A 19 -5.77 -5.94 17.79
CA ILE A 19 -7.03 -6.46 18.29
C ILE A 19 -6.73 -7.84 18.82
N THR A 20 -6.99 -8.08 20.10
CA THR A 20 -6.71 -9.38 20.71
C THR A 20 -8.01 -10.17 20.82
N LEU A 21 -7.97 -11.42 20.35
CA LEU A 21 -9.14 -12.28 20.28
C LEU A 21 -8.93 -13.58 21.02
N GLU A 22 -9.98 -14.05 21.68
CA GLU A 22 -10.05 -15.41 22.22
C GLU A 22 -10.80 -16.26 21.23
N VAL A 23 -10.13 -17.30 20.72
CA VAL A 23 -10.69 -18.16 19.68
C VAL A 23 -10.36 -19.61 19.99
N GLU A 24 -11.08 -20.50 19.32
CA GLU A 24 -10.78 -21.93 19.30
C GLU A 24 -10.29 -22.30 17.92
N PRO A 25 -9.37 -23.27 17.79
CA PRO A 25 -8.95 -23.68 16.45
C PRO A 25 -10.07 -24.25 15.58
N SER A 26 -11.14 -24.76 16.18
CA SER A 26 -12.29 -25.17 15.40
C SER A 26 -13.05 -23.99 14.77
N ASP A 27 -12.80 -22.77 15.25
CA ASP A 27 -13.54 -21.61 14.74
C ASP A 27 -13.31 -21.39 13.25
N THR A 28 -14.38 -21.04 12.55
CA THR A 28 -14.22 -20.68 11.17
C THR A 28 -13.72 -19.24 11.06
N ILE A 29 -13.18 -18.92 9.89
CA ILE A 29 -12.75 -17.55 9.63
C ILE A 29 -13.95 -16.62 9.74
N GLU A 30 -15.10 -17.09 9.25
CA GLU A 30 -16.35 -16.36 9.38
C GLU A 30 -16.66 -15.99 10.83
N ASN A 31 -16.44 -16.93 11.76
CA ASN A 31 -16.65 -16.61 13.17
C ASN A 31 -15.60 -15.64 13.71
N VAL A 32 -14.34 -15.79 13.29
CA VAL A 32 -13.31 -14.84 13.71
C VAL A 32 -13.65 -13.42 13.28
N LYS A 33 -14.17 -13.27 12.05
CA LYS A 33 -14.56 -11.94 11.60
C LYS A 33 -15.68 -11.38 12.46
N ALA A 34 -16.61 -12.24 12.89
CA ALA A 34 -17.67 -11.85 13.82
C ALA A 34 -17.10 -11.36 15.17
N LYS A 35 -16.12 -12.07 15.71
CA LYS A 35 -15.48 -11.56 16.93
C LYS A 35 -14.84 -10.19 16.68
N ILE A 36 -14.22 -9.99 15.50
CA ILE A 36 -13.64 -8.69 15.19
C ILE A 36 -14.71 -7.62 15.11
N GLN A 37 -15.87 -7.96 14.54
CA GLN A 37 -16.96 -6.99 14.46
C GLN A 37 -17.42 -6.54 15.86
N ASP A 38 -17.55 -7.49 16.82
CA ASP A 38 -17.99 -7.18 18.17
C ASP A 38 -17.06 -6.17 18.83
N LYS A 39 -15.75 -6.35 18.67
CA LYS A 39 -14.77 -5.47 19.29
C LYS A 39 -14.58 -4.16 18.51
N GLU A 40 -14.53 -4.18 17.18
CA GLU A 40 -14.16 -2.97 16.45
C GLU A 40 -15.25 -2.32 15.60
N GLY A 41 -16.39 -2.99 15.39
CA GLY A 41 -17.46 -2.38 14.62
C GLY A 41 -17.32 -2.54 13.12
N ILE A 42 -16.36 -3.32 12.67
CA ILE A 42 -16.08 -3.50 11.25
C ILE A 42 -16.95 -4.62 10.71
N PRO A 43 -17.85 -4.36 9.76
CA PRO A 43 -18.65 -5.44 9.20
C PRO A 43 -17.78 -6.45 8.49
N PRO A 44 -18.07 -7.75 8.64
CA PRO A 44 -17.14 -8.79 8.14
C PRO A 44 -16.87 -8.74 6.64
N ASP A 45 -17.85 -8.36 5.82
CA ASP A 45 -17.62 -8.26 4.40
C ASP A 45 -16.51 -7.29 4.02
N GLN A 46 -16.16 -6.38 4.89
CA GLN A 46 -15.04 -5.47 4.67
C GLN A 46 -13.72 -5.94 5.26
N GLN A 47 -13.71 -7.05 5.97
CA GLN A 47 -12.50 -7.54 6.59
C GLN A 47 -11.76 -8.50 5.67
N ARG A 48 -10.47 -8.21 5.37
CA ARG A 48 -9.58 -9.14 4.67
C ARG A 48 -8.55 -9.60 5.69
N LEU A 49 -8.62 -10.88 6.07
CA LEU A 49 -7.71 -11.45 7.03
C LEU A 49 -6.61 -12.19 6.29
N ILE A 50 -5.36 -11.90 6.66
CA ILE A 50 -4.21 -12.34 5.91
C ILE A 50 -3.24 -13.08 6.82
N PHE A 51 -2.82 -14.27 6.41
CA PHE A 51 -1.84 -15.06 7.12
C PHE A 51 -1.02 -15.78 6.04
N ALA A 52 0.30 -15.85 6.23
CA ALA A 52 1.21 -16.47 5.26
C ALA A 52 1.04 -15.92 3.86
N GLY A 53 0.91 -14.59 3.76
CA GLY A 53 0.78 -13.88 2.49
C GLY A 53 -0.47 -14.21 1.67
N LYS A 54 -1.34 -15.05 2.20
CA LYS A 54 -2.55 -15.47 1.50
C LYS A 54 -3.74 -15.08 2.35
N GLN A 55 -4.77 -14.56 1.69
CA GLN A 55 -6.03 -14.26 2.35
C GLN A 55 -6.79 -15.53 2.65
N LEU A 56 -7.55 -15.49 3.75
CA LEU A 56 -8.24 -16.64 4.31
C LEU A 56 -9.70 -16.67 3.88
N GLU A 57 -10.16 -17.85 3.46
CA GLU A 57 -11.55 -18.04 3.07
C GLU A 57 -12.45 -18.10 4.29
N ASP A 58 -13.68 -17.60 4.12
CA ASP A 58 -14.67 -17.63 5.21
C ASP A 58 -15.09 -19.06 5.57
N GLY A 59 -14.99 -19.99 4.63
CA GLY A 59 -15.42 -21.35 4.92
C GLY A 59 -14.49 -22.11 5.84
N ARG A 60 -13.19 -21.85 5.74
CA ARG A 60 -12.20 -22.67 6.41
C ARG A 60 -12.08 -22.30 7.89
N THR A 61 -11.38 -23.15 8.64
CA THR A 61 -11.15 -22.95 10.06
C THR A 61 -9.70 -22.56 10.31
N LEU A 62 -9.44 -22.05 11.52
CA LEU A 62 -8.08 -21.67 11.90
C LEU A 62 -7.12 -22.86 11.82
N SER A 63 -7.57 -24.04 12.26
CA SER A 63 -6.75 -25.24 12.16
C SER A 63 -6.38 -25.54 10.71
N ASP A 64 -7.34 -25.35 9.78
CA ASP A 64 -7.09 -25.58 8.36
C ASP A 64 -5.89 -24.79 7.86
N TYR A 65 -5.65 -23.62 8.43
CA TYR A 65 -4.53 -22.80 8.06
C TYR A 65 -3.35 -23.01 9.00
N ASN A 66 -3.47 -23.98 9.91
CA ASN A 66 -2.46 -24.22 10.93
C ASN A 66 -2.14 -22.92 11.68
N ILE A 67 -3.20 -22.17 11.99
CA ILE A 67 -3.08 -20.95 12.79
C ILE A 67 -3.13 -21.38 14.24
N GLN A 68 -2.10 -21.05 15.00
CA GLN A 68 -1.97 -21.64 16.33
C GLN A 68 -1.99 -20.57 17.40
N LYS A 69 -1.81 -21.03 18.64
CA LYS A 69 -1.66 -20.14 19.78
C LYS A 69 -0.76 -18.96 19.43
N GLU A 70 -1.22 -17.76 19.78
CA GLU A 70 -0.46 -16.52 19.71
C GLU A 70 -0.17 -16.06 18.29
N SER A 71 -0.90 -16.56 17.30
CA SER A 71 -0.64 -16.22 15.91
C SER A 71 -0.97 -14.76 15.62
N ALA A 72 -0.24 -14.18 14.66
CA ALA A 72 -0.39 -12.78 14.28
C ALA A 72 -0.99 -12.74 12.88
N LEU A 73 -2.20 -12.22 12.77
CA LEU A 73 -2.90 -12.03 11.52
C LEU A 73 -2.92 -10.54 11.20
N ILE A 74 -3.00 -10.22 9.92
CA ILE A 74 -3.10 -8.85 9.44
C ILE A 74 -4.49 -8.62 8.85
N LEU A 75 -5.10 -7.51 9.23
CA LEU A 75 -6.42 -7.13 8.77
C LEU A 75 -6.32 -5.93 7.85
N LEU A 76 -6.80 -6.09 6.62
CA LEU A 76 -6.93 -4.98 5.71
C LEU A 76 -8.42 -4.83 5.41
N LEU A 77 -8.88 -3.59 5.28
CA LEU A 77 -10.29 -3.32 5.08
C LEU A 77 -10.52 -2.88 3.64
N THR A 78 -11.29 -3.66 2.88
CA THR A 78 -11.65 -3.33 1.51
C THR A 78 -13.10 -3.72 1.28
N LEU A 79 -13.69 -3.17 0.21
CA LEU A 79 -14.89 -3.76 -0.36
C LEU A 79 -14.53 -5.10 -1.00
N ARG A 80 -15.56 -5.87 -1.39
CA ARG A 80 -15.37 -7.21 -1.95
C ARG A 80 -16.25 -7.47 -3.19
N MET B 7 -17.25 -29.12 -10.18
CA MET B 7 -16.70 -28.60 -8.92
C MET B 7 -16.62 -27.08 -8.94
N GLN B 8 -16.07 -26.51 -7.87
CA GLN B 8 -16.11 -25.07 -7.63
C GLN B 8 -14.76 -24.62 -7.09
N ILE B 9 -14.15 -23.57 -7.68
CA ILE B 9 -12.90 -22.99 -7.21
C ILE B 9 -13.01 -21.48 -7.14
N PHE B 10 -12.12 -20.87 -6.35
CA PHE B 10 -12.15 -19.44 -6.06
C PHE B 10 -10.91 -18.69 -6.53
N VAL B 11 -11.12 -17.49 -7.07
CA VAL B 11 -10.03 -16.67 -7.58
C VAL B 11 -10.05 -15.30 -6.90
N ASP B 12 -8.93 -14.92 -6.27
CA ASP B 12 -8.80 -13.61 -5.61
C ASP B 12 -7.99 -12.64 -6.47
N THR B 13 -8.55 -11.45 -6.71
CA THR B 13 -7.89 -10.40 -7.45
C THR B 13 -8.29 -9.07 -6.81
N VAL B 14 -7.39 -8.08 -6.85
CA VAL B 14 -7.68 -6.77 -6.27
C VAL B 14 -7.61 -5.70 -7.35
N GLN B 15 -8.69 -4.95 -7.48
CA GLN B 15 -8.79 -3.85 -8.44
C GLN B 15 -9.60 -2.76 -7.74
N TRP B 16 -9.98 -1.75 -8.50
CA TRP B 16 -10.74 -0.59 -8.04
C TRP B 16 -12.22 -0.82 -8.27
N LYS B 17 -13.01 0.07 -7.69
CA LYS B 17 -14.47 0.10 -7.81
C LYS B 17 -14.90 1.55 -7.64
N THR B 18 -15.90 1.96 -8.43
CA THR B 18 -16.37 3.34 -8.42
C THR B 18 -17.78 3.40 -7.88
N ILE B 19 -17.96 4.22 -6.86
CA ILE B 19 -19.26 4.47 -6.22
C ILE B 19 -19.74 5.86 -6.67
N THR B 20 -20.92 5.91 -7.26
CA THR B 20 -21.51 7.16 -7.77
C THR B 20 -22.54 7.71 -6.80
N LEU B 21 -22.39 8.97 -6.43
CA LEU B 21 -23.28 9.63 -5.49
C LEU B 21 -23.93 10.85 -6.11
N GLU B 22 -25.21 11.04 -5.77
CA GLU B 22 -25.89 12.29 -6.01
C GLU B 22 -25.77 13.12 -4.74
N VAL B 23 -25.11 14.28 -4.83
CA VAL B 23 -24.81 15.12 -3.67
C VAL B 23 -25.11 16.57 -4.04
N GLU B 24 -25.19 17.43 -3.02
CA GLU B 24 -25.26 18.87 -3.10
C GLU B 24 -23.93 19.46 -2.61
N PRO B 25 -23.47 20.57 -3.17
CA PRO B 25 -22.19 21.14 -2.71
C PRO B 25 -22.19 21.59 -1.25
N SER B 26 -23.36 21.93 -0.68
CA SER B 26 -23.42 22.27 0.74
C SER B 26 -23.25 21.07 1.66
N ASP B 27 -23.37 19.84 1.12
CA ASP B 27 -23.25 18.64 1.95
C ASP B 27 -21.91 18.60 2.66
N THR B 28 -21.94 18.22 3.94
CA THR B 28 -20.73 18.06 4.73
C THR B 28 -20.10 16.71 4.44
N ILE B 29 -18.82 16.59 4.78
CA ILE B 29 -18.12 15.32 4.57
C ILE B 29 -18.82 14.20 5.34
N GLU B 30 -19.22 14.49 6.57
CA GLU B 30 -19.98 13.54 7.37
C GLU B 30 -21.20 13.00 6.61
N ASN B 31 -21.89 13.87 5.88
CA ASN B 31 -23.07 13.42 5.13
C ASN B 31 -22.68 12.57 3.93
N VAL B 32 -21.58 12.91 3.24
CA VAL B 32 -21.13 12.10 2.11
C VAL B 32 -20.79 10.67 2.59
N LYS B 33 -20.12 10.56 3.75
CA LYS B 33 -19.83 9.24 4.33
C LYS B 33 -21.11 8.49 4.65
N ALA B 34 -22.15 9.20 5.08
CA ALA B 34 -23.44 8.55 5.31
C ALA B 34 -24.04 7.98 4.02
N LYS B 35 -24.01 8.76 2.92
CA LYS B 35 -24.53 8.22 1.66
C LYS B 35 -23.74 7.00 1.23
N ILE B 36 -22.41 7.01 1.44
CA ILE B 36 -21.61 5.82 1.15
C ILE B 36 -22.03 4.66 2.03
N GLN B 37 -22.31 4.92 3.31
CA GLN B 37 -22.81 3.86 4.18
C GLN B 37 -24.11 3.29 3.64
N ASP B 38 -24.96 4.17 3.11
CA ASP B 38 -26.25 3.73 2.57
C ASP B 38 -26.07 2.75 1.42
N LYS B 39 -25.14 3.06 0.48
CA LYS B 39 -24.96 2.26 -0.73
C LYS B 39 -24.16 0.98 -0.46
N GLU B 40 -23.01 1.10 0.22
CA GLU B 40 -22.04 -0.01 0.31
C GLU B 40 -21.91 -0.64 1.69
N GLY B 41 -22.47 -0.05 2.76
CA GLY B 41 -22.42 -0.66 4.07
C GLY B 41 -21.22 -0.37 4.94
N ILE B 42 -20.39 0.60 4.56
CA ILE B 42 -19.17 1.01 5.27
C ILE B 42 -19.54 1.99 6.36
N PRO B 43 -19.29 1.72 7.63
CA PRO B 43 -19.63 2.72 8.63
C PRO B 43 -18.70 3.90 8.53
N PRO B 44 -19.22 5.12 8.66
CA PRO B 44 -18.40 6.30 8.36
C PRO B 44 -17.14 6.39 9.16
N ASP B 45 -17.12 5.85 10.37
CA ASP B 45 -15.89 5.88 11.16
C ASP B 45 -14.72 5.24 10.43
N GLN B 46 -14.98 4.27 9.54
CA GLN B 46 -13.93 3.59 8.80
C GLN B 46 -13.55 4.24 7.47
N GLN B 47 -14.27 5.28 7.04
CA GLN B 47 -14.05 5.87 5.75
C GLN B 47 -13.02 6.99 5.79
N ARG B 48 -12.00 6.89 4.95
CA ARG B 48 -11.05 7.97 4.73
C ARG B 48 -11.28 8.44 3.31
N LEU B 49 -11.81 9.64 3.16
CA LEU B 49 -12.01 10.27 1.86
C LEU B 49 -10.85 11.23 1.62
N ILE B 50 -10.26 11.10 0.43
CA ILE B 50 -9.02 11.80 0.09
C ILE B 50 -9.29 12.58 -1.19
N PHE B 51 -8.93 13.87 -1.18
CA PHE B 51 -9.07 14.69 -2.36
C PHE B 51 -7.92 15.69 -2.37
N ALA B 52 -7.32 15.91 -3.54
CA ALA B 52 -6.18 16.84 -3.68
C ALA B 52 -5.09 16.54 -2.65
N GLY B 53 -4.82 15.24 -2.46
CA GLY B 53 -3.80 14.74 -1.55
C GLY B 53 -4.02 14.95 -0.07
N LYS B 54 -5.18 15.44 0.37
CA LYS B 54 -5.48 15.67 1.78
C LYS B 54 -6.71 14.88 2.19
N GLN B 55 -6.68 14.30 3.39
CA GLN B 55 -7.90 13.69 3.90
C GLN B 55 -8.91 14.77 4.29
N LEU B 56 -10.18 14.48 4.04
CA LEU B 56 -11.25 15.44 4.21
C LEU B 56 -11.81 15.31 5.64
N GLU B 57 -11.89 16.45 6.33
CA GLU B 57 -12.40 16.51 7.69
C GLU B 57 -13.92 16.47 7.74
N ASP B 58 -14.47 15.72 8.72
CA ASP B 58 -15.91 15.47 8.75
C ASP B 58 -16.70 16.79 8.86
N GLY B 59 -16.14 17.79 9.54
CA GLY B 59 -16.88 19.02 9.82
C GLY B 59 -17.15 19.87 8.59
N ARG B 60 -16.20 19.91 7.66
CA ARG B 60 -16.25 20.82 6.53
C ARG B 60 -17.22 20.31 5.45
N THR B 61 -17.45 21.15 4.43
CA THR B 61 -18.31 20.84 3.31
C THR B 61 -17.52 20.64 2.01
N LEU B 62 -18.21 20.09 1.00
CA LEU B 62 -17.59 19.94 -0.31
C LEU B 62 -17.17 21.29 -0.89
N SER B 63 -18.03 22.29 -0.79
CA SER B 63 -17.70 23.63 -1.26
C SER B 63 -16.47 24.19 -0.56
N ASP B 64 -16.32 23.90 0.74
CA ASP B 64 -15.12 24.33 1.46
C ASP B 64 -13.86 23.81 0.81
N TYR B 65 -13.95 22.64 0.14
CA TYR B 65 -12.83 21.99 -0.54
C TYR B 65 -12.80 22.26 -2.05
N ASN B 66 -13.64 23.17 -2.54
CA ASN B 66 -13.78 23.45 -3.97
C ASN B 66 -14.01 22.18 -4.77
N ILE B 67 -14.75 21.23 -4.19
CA ILE B 67 -15.11 19.98 -4.84
C ILE B 67 -16.36 20.19 -5.68
N GLN B 68 -16.26 19.98 -6.99
CA GLN B 68 -17.28 20.42 -7.93
C GLN B 68 -17.91 19.25 -8.70
N LYS B 69 -18.81 19.60 -9.62
CA LYS B 69 -19.43 18.63 -10.51
C LYS B 69 -18.38 17.66 -11.04
N GLU B 70 -18.71 16.37 -10.99
CA GLU B 70 -17.93 15.27 -11.55
C GLU B 70 -16.63 14.99 -10.79
N SER B 71 -16.48 15.44 -9.55
CA SER B 71 -15.23 15.23 -8.82
C SER B 71 -14.99 13.77 -8.46
N ALA B 72 -13.69 13.41 -8.36
CA ALA B 72 -13.22 12.05 -8.15
C ALA B 72 -12.54 11.98 -6.78
N LEU B 73 -13.15 11.23 -5.86
CA LEU B 73 -12.57 11.07 -4.55
C LEU B 73 -12.04 9.65 -4.37
N ILE B 74 -11.01 9.50 -3.55
CA ILE B 74 -10.47 8.19 -3.26
C ILE B 74 -10.86 7.83 -1.84
N LEU B 75 -11.42 6.65 -1.68
CA LEU B 75 -11.87 6.14 -0.40
C LEU B 75 -10.96 4.99 0.02
N LEU B 76 -10.37 5.13 1.20
CA LEU B 76 -9.61 4.08 1.86
C LEU B 76 -10.26 3.73 3.18
N LEU B 77 -10.29 2.44 3.53
CA LEU B 77 -10.99 1.97 4.73
C LEU B 77 -9.99 1.62 5.82
N THR B 78 -10.07 2.32 6.96
CA THR B 78 -9.18 2.04 8.10
C THR B 78 -9.97 2.20 9.40
N LEU B 79 -9.26 2.13 10.52
CA LEU B 79 -9.77 2.51 11.84
C LEU B 79 -9.18 3.86 12.24
N ARG B 80 -10.02 4.76 12.73
CA ARG B 80 -9.55 6.11 13.09
C ARG B 80 -9.10 6.20 14.54
N MET C 7 -1.31 15.54 -31.13
CA MET C 7 -0.74 15.88 -29.83
C MET C 7 -0.63 14.64 -28.92
N GLN C 8 -0.03 14.79 -27.75
CA GLN C 8 0.43 13.63 -26.98
C GLN C 8 0.08 13.74 -25.49
N ILE C 9 -0.50 12.67 -24.92
CA ILE C 9 -0.83 12.67 -23.51
C ILE C 9 -0.33 11.38 -22.87
N PHE C 10 -0.20 11.41 -21.55
CA PHE C 10 0.31 10.27 -20.80
C PHE C 10 -0.75 9.76 -19.84
N VAL C 11 -0.87 8.44 -19.74
CA VAL C 11 -1.84 7.81 -18.86
C VAL C 11 -1.11 6.87 -17.92
N ASP C 12 -1.26 7.11 -16.62
CA ASP C 12 -0.58 6.37 -15.57
C ASP C 12 -1.51 5.36 -14.90
N THR C 13 -1.00 4.13 -14.74
CA THR C 13 -1.71 3.03 -14.10
C THR C 13 -0.72 2.23 -13.26
N VAL C 14 -1.24 1.58 -12.23
CA VAL C 14 -0.46 0.75 -11.32
C VAL C 14 -0.96 -0.67 -11.44
N GLN C 15 -0.06 -1.58 -11.81
CA GLN C 15 -0.38 -2.97 -12.04
C GLN C 15 0.83 -3.80 -11.60
N TRP C 16 0.86 -5.06 -12.00
CA TRP C 16 1.97 -5.96 -11.78
C TRP C 16 2.86 -6.06 -13.03
N LYS C 17 4.14 -6.42 -12.82
CA LYS C 17 5.03 -6.89 -13.87
C LYS C 17 5.65 -8.23 -13.46
N THR C 18 5.82 -9.13 -14.41
CA THR C 18 6.34 -10.48 -14.14
C THR C 18 7.74 -10.61 -14.73
N ILE C 19 8.70 -10.94 -13.88
CA ILE C 19 10.08 -11.21 -14.28
C ILE C 19 10.32 -12.71 -14.28
N THR C 20 10.82 -13.23 -15.40
CA THR C 20 11.17 -14.63 -15.51
C THR C 20 12.67 -14.80 -15.33
N LEU C 21 13.07 -15.70 -14.43
CA LEU C 21 14.47 -16.01 -14.19
C LEU C 21 14.72 -17.50 -14.39
N GLU C 22 15.88 -17.81 -14.95
CA GLU C 22 16.39 -19.17 -14.94
C GLU C 22 17.36 -19.28 -13.76
N VAL C 23 17.05 -20.18 -12.83
CA VAL C 23 17.85 -20.35 -11.62
C VAL C 23 18.03 -21.84 -11.35
N GLU C 24 18.99 -22.14 -10.47
CA GLU C 24 19.18 -23.46 -9.87
C GLU C 24 18.82 -23.42 -8.38
N PRO C 25 18.29 -24.51 -7.82
CA PRO C 25 17.87 -24.49 -6.41
C PRO C 25 19.00 -24.22 -5.41
N SER C 26 20.24 -24.55 -5.74
CA SER C 26 21.36 -24.25 -4.85
C SER C 26 21.60 -22.75 -4.72
N ASP C 27 21.07 -21.95 -5.63
CA ASP C 27 21.30 -20.51 -5.64
C ASP C 27 20.80 -19.86 -4.36
N THR C 28 21.59 -18.93 -3.84
CA THR C 28 21.19 -18.13 -2.69
C THR C 28 20.30 -16.98 -3.11
N ILE C 29 19.60 -16.41 -2.12
CA ILE C 29 18.77 -15.23 -2.37
C ILE C 29 19.65 -14.08 -2.88
N GLU C 30 20.84 -13.92 -2.30
CA GLU C 30 21.79 -12.95 -2.86
C GLU C 30 22.05 -13.21 -4.34
N ASN C 31 22.12 -14.48 -4.74
CA ASN C 31 22.32 -14.81 -6.15
C ASN C 31 21.11 -14.43 -6.99
N VAL C 32 19.90 -14.70 -6.50
CA VAL C 32 18.68 -14.33 -7.21
C VAL C 32 18.57 -12.81 -7.34
N LYS C 33 18.95 -12.08 -6.29
CA LYS C 33 18.94 -10.63 -6.40
C LYS C 33 19.90 -10.13 -7.47
N ALA C 34 21.07 -10.77 -7.60
CA ALA C 34 22.00 -10.41 -8.67
C ALA C 34 21.39 -10.66 -10.04
N LYS C 35 20.75 -11.83 -10.22
CA LYS C 35 20.09 -12.13 -11.48
C LYS C 35 19.02 -11.10 -11.81
N ILE C 36 18.30 -10.61 -10.80
CA ILE C 36 17.34 -9.54 -11.05
C ILE C 36 18.05 -8.27 -11.49
N GLN C 37 19.22 -7.98 -10.91
CA GLN C 37 19.98 -6.81 -11.34
C GLN C 37 20.39 -6.90 -12.80
N ASP C 38 20.76 -8.09 -13.26
CA ASP C 38 21.18 -8.23 -14.66
C ASP C 38 20.05 -7.86 -15.61
N LYS C 39 18.84 -8.38 -15.37
CA LYS C 39 17.73 -8.16 -16.28
C LYS C 39 17.09 -6.79 -16.10
N GLU C 40 16.87 -6.33 -14.86
CA GLU C 40 16.07 -5.13 -14.63
C GLU C 40 16.85 -3.94 -14.10
N GLY C 41 18.11 -4.12 -13.68
CA GLY C 41 18.91 -2.99 -13.27
C GLY C 41 18.72 -2.54 -11.84
N ILE C 42 18.00 -3.31 -11.03
CA ILE C 42 17.73 -3.00 -9.65
C ILE C 42 18.91 -3.45 -8.81
N PRO C 43 19.52 -2.52 -8.09
CA PRO C 43 20.63 -2.90 -7.20
C PRO C 43 20.13 -3.73 -6.05
N PRO C 44 20.86 -4.80 -5.68
CA PRO C 44 20.32 -5.78 -4.71
C PRO C 44 20.01 -5.25 -3.32
N ASP C 45 20.76 -4.26 -2.83
CA ASP C 45 20.43 -3.69 -1.53
C ASP C 45 18.99 -3.18 -1.47
N GLN C 46 18.44 -2.75 -2.61
CA GLN C 46 17.07 -2.22 -2.68
C GLN C 46 16.01 -3.29 -2.89
N GLN C 47 16.39 -4.54 -3.14
CA GLN C 47 15.42 -5.59 -3.42
C GLN C 47 14.93 -6.25 -2.13
N ARG C 48 13.61 -6.31 -1.96
CA ARG C 48 12.99 -7.10 -0.91
C ARG C 48 12.20 -8.21 -1.58
N LEU C 49 12.63 -9.45 -1.40
CA LEU C 49 11.94 -10.60 -1.96
C LEU C 49 11.08 -11.25 -0.86
N ILE C 50 9.83 -11.57 -1.21
CA ILE C 50 8.84 -12.08 -0.27
C ILE C 50 8.23 -13.33 -0.87
N PHE C 51 8.10 -14.38 -0.07
CA PHE C 51 7.44 -15.62 -0.48
C PHE C 51 6.75 -16.24 0.73
N ALA C 52 5.52 -16.74 0.53
CA ALA C 52 4.73 -17.34 1.62
C ALA C 52 4.68 -16.39 2.83
N GLY C 53 4.47 -15.11 2.54
CA GLY C 53 4.39 -14.04 3.52
C GLY C 53 5.66 -13.71 4.27
N LYS C 54 6.79 -14.31 3.94
CA LYS C 54 8.02 -14.09 4.66
C LYS C 54 9.07 -13.47 3.73
N GLN C 55 9.80 -12.47 4.23
CA GLN C 55 10.92 -11.93 3.46
C GLN C 55 12.09 -12.92 3.45
N LEU C 56 12.83 -12.93 2.35
CA LEU C 56 13.89 -13.92 2.14
C LEU C 56 15.25 -13.34 2.53
N GLU C 57 15.98 -14.08 3.37
CA GLU C 57 17.32 -13.70 3.83
C GLU C 57 18.36 -13.93 2.74
N ASP C 58 19.31 -12.99 2.63
CA ASP C 58 20.32 -13.06 1.57
C ASP C 58 21.19 -14.30 1.65
N GLY C 59 21.38 -14.85 2.85
CA GLY C 59 22.31 -15.95 3.02
C GLY C 59 21.77 -17.29 2.58
N ARG C 60 20.47 -17.53 2.80
CA ARG C 60 19.90 -18.85 2.59
C ARG C 60 19.69 -19.13 1.10
N THR C 61 19.38 -20.38 0.78
CA THR C 61 19.15 -20.80 -0.59
C THR C 61 17.67 -20.99 -0.87
N LEU C 62 17.34 -21.10 -2.16
CA LEU C 62 15.97 -21.35 -2.56
C LEU C 62 15.46 -22.67 -2.00
N SER C 63 16.31 -23.71 -2.02
CA SER C 63 15.91 -24.99 -1.44
C SER C 63 15.60 -24.86 0.05
N ASP C 64 16.37 -24.02 0.75
CA ASP C 64 16.10 -23.80 2.17
C ASP C 64 14.67 -23.32 2.39
N TYR C 65 14.10 -22.60 1.42
CA TYR C 65 12.74 -22.06 1.50
C TYR C 65 11.71 -22.92 0.77
N ASN C 66 12.07 -24.13 0.33
CA ASN C 66 11.17 -25.00 -0.44
C ASN C 66 10.57 -24.27 -1.65
N ILE C 67 11.38 -23.44 -2.29
CA ILE C 67 11.00 -22.74 -3.52
C ILE C 67 11.32 -23.64 -4.70
N GLN C 68 10.29 -24.00 -5.47
CA GLN C 68 10.41 -25.07 -6.46
C GLN C 68 10.14 -24.52 -7.87
N LYS C 69 10.20 -25.43 -8.87
CA LYS C 69 9.84 -25.09 -10.25
C LYS C 69 8.55 -24.29 -10.33
N GLU C 70 8.56 -23.24 -11.17
CA GLU C 70 7.44 -22.37 -11.49
C GLU C 70 7.02 -21.48 -10.32
N SER C 71 7.85 -21.33 -9.30
CA SER C 71 7.43 -20.55 -8.14
C SER C 71 7.35 -19.07 -8.48
N ALA C 72 6.44 -18.38 -7.79
CA ALA C 72 6.21 -16.95 -7.99
C ALA C 72 6.55 -16.23 -6.70
N LEU C 73 7.55 -15.38 -6.75
CA LEU C 73 8.01 -14.56 -5.64
C LEU C 73 7.52 -13.14 -5.86
N ILE C 74 7.45 -12.36 -4.77
CA ILE C 74 7.05 -10.97 -4.84
C ILE C 74 8.27 -10.07 -4.60
N LEU C 75 8.47 -9.09 -5.48
CA LEU C 75 9.57 -8.15 -5.35
C LEU C 75 9.01 -6.78 -4.99
N LEU C 76 9.53 -6.22 -3.91
CA LEU C 76 9.18 -4.89 -3.43
C LEU C 76 10.48 -4.10 -3.41
N LEU C 77 10.42 -2.80 -3.67
CA LEU C 77 11.63 -1.98 -3.69
C LEU C 77 11.62 -0.96 -2.57
N THR C 78 12.63 -1.02 -1.69
CA THR C 78 12.69 -0.13 -0.54
C THR C 78 14.10 0.44 -0.45
N LEU C 79 14.33 1.24 0.56
CA LEU C 79 15.63 1.82 0.77
C LEU C 79 16.24 1.47 2.13
N MET D 7 16.23 -24.64 -13.56
CA MET D 7 14.79 -24.42 -13.40
C MET D 7 14.38 -22.96 -13.57
N GLN D 8 13.08 -22.68 -13.45
CA GLN D 8 12.49 -21.39 -13.80
C GLN D 8 11.55 -20.91 -12.69
N ILE D 9 11.72 -19.66 -12.25
CA ILE D 9 10.83 -19.06 -11.28
C ILE D 9 10.43 -17.66 -11.76
N PHE D 10 9.32 -17.17 -11.24
CA PHE D 10 8.76 -15.90 -11.66
C PHE D 10 8.78 -14.93 -10.50
N VAL D 11 9.13 -13.69 -10.78
CA VAL D 11 9.19 -12.66 -9.75
C VAL D 11 8.24 -11.56 -10.19
N ASP D 12 7.21 -11.31 -9.37
CA ASP D 12 6.18 -10.34 -9.68
C ASP D 12 6.48 -9.09 -8.86
N THR D 13 6.41 -7.92 -9.50
CA THR D 13 6.67 -6.64 -8.85
C THR D 13 5.62 -5.63 -9.27
N VAL D 14 5.50 -4.55 -8.49
CA VAL D 14 4.49 -3.54 -8.83
C VAL D 14 5.06 -2.62 -9.86
N GLN D 15 4.34 -2.49 -10.95
CA GLN D 15 4.77 -1.65 -12.06
C GLN D 15 3.85 -0.47 -12.09
N TRP D 16 4.42 0.73 -12.28
CA TRP D 16 3.69 1.99 -12.33
C TRP D 16 3.94 2.53 -13.72
N LYS D 17 3.02 2.20 -14.60
CA LYS D 17 3.22 2.20 -16.03
C LYS D 17 2.70 3.49 -16.62
N THR D 18 3.44 4.03 -17.58
CA THR D 18 3.03 5.24 -18.27
C THR D 18 2.73 4.85 -19.71
N ILE D 19 1.52 5.14 -20.13
CA ILE D 19 1.05 4.85 -21.47
C ILE D 19 1.00 6.15 -22.26
N THR D 20 1.63 6.16 -23.41
CA THR D 20 1.62 7.35 -24.25
C THR D 20 0.58 7.17 -25.35
N LEU D 21 -0.28 8.17 -25.51
CA LEU D 21 -1.30 8.20 -26.54
C LEU D 21 -1.08 9.42 -27.43
N GLU D 22 -1.34 9.26 -28.72
CA GLU D 22 -1.49 10.39 -29.64
C GLU D 22 -2.98 10.62 -29.80
N VAL D 23 -3.44 11.82 -29.42
CA VAL D 23 -4.86 12.12 -29.45
C VAL D 23 -5.04 13.48 -30.08
N GLU D 24 -6.22 13.74 -30.50
CA GLU D 24 -6.69 15.05 -30.92
C GLU D 24 -7.62 15.61 -29.85
N PRO D 25 -7.65 16.94 -29.67
CA PRO D 25 -8.50 17.49 -28.59
C PRO D 25 -10.02 17.24 -28.74
N SER D 26 -10.55 17.10 -29.96
CA SER D 26 -11.95 16.75 -30.21
C SER D 26 -12.28 15.31 -29.84
N ASP D 27 -11.28 14.45 -29.59
CA ASP D 27 -11.54 13.06 -29.24
C ASP D 27 -12.42 12.95 -27.99
N THR D 28 -13.39 12.05 -28.06
CA THR D 28 -14.21 11.85 -26.90
C THR D 28 -13.47 10.95 -25.90
N ILE D 29 -13.89 11.02 -24.63
CA ILE D 29 -13.30 10.17 -23.61
C ILE D 29 -13.41 8.70 -24.03
N GLU D 30 -14.55 8.33 -24.59
CA GLU D 30 -14.74 7.00 -25.16
C GLU D 30 -13.69 6.66 -26.23
N ASN D 31 -13.31 7.63 -27.07
CA ASN D 31 -12.27 7.36 -28.07
C ASN D 31 -10.92 7.15 -27.39
N VAL D 32 -10.62 7.93 -26.35
CA VAL D 32 -9.39 7.72 -25.61
C VAL D 32 -9.34 6.31 -25.00
N LYS D 33 -10.46 5.85 -24.43
CA LYS D 33 -10.50 4.51 -23.88
C LYS D 33 -10.27 3.44 -24.95
N ALA D 34 -10.85 3.65 -26.15
CA ALA D 34 -10.58 2.77 -27.29
C ALA D 34 -9.10 2.79 -27.66
N LYS D 35 -8.46 3.96 -27.58
CA LYS D 35 -7.03 4.02 -27.83
C LYS D 35 -6.24 3.21 -26.82
N ILE D 36 -6.60 3.27 -25.54
CA ILE D 36 -5.93 2.45 -24.52
C ILE D 36 -6.16 0.97 -24.76
N GLN D 37 -7.37 0.61 -25.20
CA GLN D 37 -7.62 -0.79 -25.56
C GLN D 37 -6.66 -1.25 -26.64
N ASP D 38 -6.42 -0.40 -27.67
CA ASP D 38 -5.54 -0.76 -28.78
C ASP D 38 -4.12 -1.04 -28.30
N LYS D 39 -3.58 -0.18 -27.43
CA LYS D 39 -2.23 -0.39 -26.96
C LYS D 39 -2.13 -1.54 -25.96
N GLU D 40 -2.99 -1.54 -24.93
CA GLU D 40 -2.76 -2.44 -23.81
C GLU D 40 -3.79 -3.57 -23.69
N GLY D 41 -4.90 -3.52 -24.42
CA GLY D 41 -5.92 -4.55 -24.44
C GLY D 41 -7.03 -4.42 -23.41
N ILE D 42 -7.09 -3.34 -22.65
CA ILE D 42 -8.08 -3.19 -21.59
C ILE D 42 -9.43 -2.79 -22.17
N PRO D 43 -10.46 -3.58 -21.98
CA PRO D 43 -11.75 -3.23 -22.54
C PRO D 43 -12.28 -1.95 -21.91
N PRO D 44 -12.88 -1.07 -22.71
CA PRO D 44 -13.24 0.25 -22.18
C PRO D 44 -14.20 0.24 -20.99
N ASP D 45 -15.13 -0.70 -20.90
CA ASP D 45 -16.06 -0.68 -19.77
C ASP D 45 -15.35 -0.73 -18.41
N GLN D 46 -14.18 -1.35 -18.35
CA GLN D 46 -13.39 -1.46 -17.14
C GLN D 46 -12.49 -0.26 -16.85
N GLN D 47 -12.44 0.73 -17.71
CA GLN D 47 -11.53 1.87 -17.51
C GLN D 47 -12.21 2.99 -16.73
N ARG D 48 -11.54 3.48 -15.69
CA ARG D 48 -11.89 4.72 -15.00
C ARG D 48 -10.73 5.70 -15.19
N LEU D 49 -11.00 6.80 -15.88
CA LEU D 49 -10.01 7.82 -16.15
C LEU D 49 -10.21 9.05 -15.27
N ILE D 50 -9.12 9.54 -14.69
CA ILE D 50 -9.17 10.67 -13.76
C ILE D 50 -8.17 11.72 -14.21
N PHE D 51 -8.63 12.96 -14.34
CA PHE D 51 -7.78 14.10 -14.67
C PHE D 51 -8.22 15.33 -13.90
N ALA D 52 -7.25 16.04 -13.31
CA ALA D 52 -7.53 17.22 -12.48
C ALA D 52 -8.59 16.92 -11.42
N GLY D 53 -8.44 15.79 -10.73
CA GLY D 53 -9.42 15.51 -9.70
C GLY D 53 -10.83 15.27 -10.20
N LYS D 54 -11.03 15.10 -11.52
CA LYS D 54 -12.34 14.87 -12.13
C LYS D 54 -12.35 13.52 -12.82
N GLN D 55 -13.39 12.71 -12.59
CA GLN D 55 -13.60 11.52 -13.42
C GLN D 55 -14.22 11.99 -14.73
N LEU D 56 -13.83 11.34 -15.82
CA LEU D 56 -14.17 11.80 -17.14
C LEU D 56 -15.32 11.00 -17.74
N GLU D 57 -16.35 11.72 -18.21
CA GLU D 57 -17.50 11.13 -18.88
C GLU D 57 -17.22 10.73 -20.32
N ASP D 58 -17.66 9.52 -20.68
CA ASP D 58 -17.52 9.01 -22.04
C ASP D 58 -18.05 9.98 -23.10
N GLY D 59 -19.00 10.86 -22.73
CA GLY D 59 -19.65 11.70 -23.71
C GLY D 59 -18.83 12.92 -24.10
N ARG D 60 -18.11 13.48 -23.14
CA ARG D 60 -17.41 14.73 -23.33
C ARG D 60 -16.10 14.50 -24.11
N THR D 61 -15.47 15.59 -24.50
CA THR D 61 -14.21 15.55 -25.23
C THR D 61 -13.06 16.01 -24.33
N LEU D 62 -11.83 15.74 -24.80
CA LEU D 62 -10.65 16.19 -24.06
C LEU D 62 -10.59 17.72 -23.98
N SER D 63 -11.00 18.41 -25.04
CA SER D 63 -11.08 19.87 -24.99
C SER D 63 -12.03 20.33 -23.90
N ASP D 64 -13.16 19.61 -23.71
CA ASP D 64 -14.09 19.96 -22.66
C ASP D 64 -13.39 19.97 -21.30
N TYR D 65 -12.39 19.12 -21.11
CA TYR D 65 -11.69 19.07 -19.83
C TYR D 65 -10.42 19.91 -19.86
N ASN D 66 -10.23 20.68 -20.95
CA ASN D 66 -9.02 21.49 -21.17
C ASN D 66 -7.77 20.62 -21.05
N ILE D 67 -7.85 19.40 -21.60
CA ILE D 67 -6.71 18.48 -21.60
C ILE D 67 -5.85 18.80 -22.82
N GLN D 68 -4.61 19.13 -22.59
CA GLN D 68 -3.79 19.67 -23.65
C GLN D 68 -2.57 18.78 -23.84
N LYS D 69 -1.72 19.17 -24.77
CA LYS D 69 -0.42 18.53 -24.97
C LYS D 69 0.25 18.21 -23.64
N GLU D 70 0.76 16.98 -23.52
CA GLU D 70 1.57 16.47 -22.42
C GLU D 70 0.81 16.35 -21.09
N SER D 71 -0.52 16.38 -21.13
CA SER D 71 -1.29 16.22 -19.91
C SER D 71 -1.15 14.78 -19.43
N ALA D 72 -1.25 14.58 -18.11
CA ALA D 72 -1.07 13.27 -17.48
C ALA D 72 -2.37 12.82 -16.82
N LEU D 73 -2.94 11.72 -17.30
CA LEU D 73 -4.18 11.17 -16.78
C LEU D 73 -3.85 9.98 -15.90
N ILE D 74 -4.80 9.61 -15.03
CA ILE D 74 -4.70 8.43 -14.16
C ILE D 74 -5.74 7.42 -14.59
N LEU D 75 -5.32 6.17 -14.75
CA LEU D 75 -6.21 5.09 -15.14
C LEU D 75 -6.38 4.13 -13.98
N LEU D 76 -7.62 3.88 -13.60
CA LEU D 76 -7.98 2.87 -12.62
C LEU D 76 -8.83 1.82 -13.30
N LEU D 77 -8.64 0.56 -12.91
CA LEU D 77 -9.32 -0.59 -13.50
C LEU D 77 -10.35 -1.16 -12.54
N THR D 78 -11.54 -1.47 -13.05
CA THR D 78 -12.65 -2.02 -12.30
C THR D 78 -13.11 -3.31 -12.97
N LEU D 79 -14.15 -3.95 -12.41
CA LEU D 79 -14.53 -5.28 -12.87
C LEU D 79 -16.05 -5.43 -13.01
N ARG D 80 -16.44 -6.26 -13.97
CA ARG D 80 -17.84 -6.45 -14.37
C ARG D 80 -18.65 -7.20 -13.30
N GLY E 6 -8.98 -23.43 24.14
CA GLY E 6 -9.00 -22.07 24.61
C GLY E 6 -7.66 -21.37 24.35
N MET E 7 -7.59 -20.59 23.28
CA MET E 7 -6.35 -19.95 22.87
C MET E 7 -6.58 -18.51 22.43
N GLN E 8 -5.50 -17.84 22.09
CA GLN E 8 -5.53 -16.40 21.88
C GLN E 8 -4.74 -16.08 20.61
N ILE E 9 -5.30 -15.23 19.74
CA ILE E 9 -4.61 -14.80 18.53
C ILE E 9 -4.67 -13.29 18.43
N PHE E 10 -3.74 -12.72 17.67
CA PHE E 10 -3.60 -11.27 17.56
C PHE E 10 -3.80 -10.83 16.13
N VAL E 11 -4.56 -9.75 15.96
CA VAL E 11 -4.91 -9.21 14.65
C VAL E 11 -4.43 -7.78 14.58
N ASP E 12 -3.51 -7.55 13.65
CA ASP E 12 -2.88 -6.26 13.47
C ASP E 12 -3.50 -5.58 12.25
N THR E 13 -3.95 -4.35 12.44
CA THR E 13 -4.75 -3.66 11.45
C THR E 13 -4.19 -2.26 11.33
N VAL E 14 -4.41 -1.62 10.21
CA VAL E 14 -3.81 -0.32 10.06
C VAL E 14 -4.79 0.71 10.63
N GLN E 15 -4.23 1.64 11.39
CA GLN E 15 -4.97 2.76 11.95
C GLN E 15 -4.42 4.05 11.34
N TRP E 16 -5.31 4.82 10.71
CA TRP E 16 -5.05 6.15 10.20
C TRP E 16 -5.85 7.10 11.08
N LYS E 17 -5.15 7.90 11.87
CA LYS E 17 -5.71 8.61 13.02
C LYS E 17 -5.60 10.11 12.83
N THR E 18 -6.62 10.85 13.29
CA THR E 18 -6.63 12.30 13.24
C THR E 18 -6.61 12.80 14.69
N ILE E 19 -5.60 13.60 15.03
CA ILE E 19 -5.38 14.12 16.37
C ILE E 19 -5.79 15.58 16.40
N THR E 20 -6.58 15.98 17.39
CA THR E 20 -6.98 17.37 17.55
C THR E 20 -6.14 18.05 18.64
N LEU E 21 -5.50 19.16 18.28
CA LEU E 21 -4.63 19.91 19.18
C LEU E 21 -5.15 21.33 19.35
N GLU E 22 -5.08 21.84 20.58
CA GLU E 22 -5.34 23.25 20.87
C GLU E 22 -4.00 23.99 20.96
N VAL E 23 -3.79 24.95 20.05
CA VAL E 23 -2.54 25.68 19.94
C VAL E 23 -2.82 27.16 19.72
N GLU E 24 -1.75 27.96 19.84
CA GLU E 24 -1.68 29.35 19.43
C GLU E 24 -0.78 29.48 18.20
N PRO E 25 -1.04 30.44 17.31
CA PRO E 25 -0.18 30.60 16.13
C PRO E 25 1.27 30.93 16.49
N SER E 26 1.49 31.54 17.66
CA SER E 26 2.85 31.84 18.13
C SER E 26 3.63 30.59 18.53
N ASP E 27 2.96 29.46 18.77
CA ASP E 27 3.65 28.24 19.16
C ASP E 27 4.60 27.77 18.07
N THR E 28 5.80 27.32 18.46
CA THR E 28 6.73 26.80 17.47
C THR E 28 6.39 25.37 17.07
N ILE E 29 6.95 24.95 15.93
CA ILE E 29 6.81 23.56 15.49
C ILE E 29 7.37 22.65 16.58
N GLU E 30 8.51 23.02 17.14
CA GLU E 30 9.09 22.29 18.26
C GLU E 30 8.09 22.11 19.39
N ASN E 31 7.34 23.16 19.73
CA ASN E 31 6.33 23.04 20.78
C ASN E 31 5.19 22.13 20.35
N VAL E 32 4.76 22.25 19.08
CA VAL E 32 3.69 21.39 18.59
C VAL E 32 4.09 19.93 18.70
N LYS E 33 5.33 19.61 18.36
CA LYS E 33 5.79 18.22 18.50
C LYS E 33 5.70 17.77 19.96
N ALA E 34 5.99 18.67 20.90
CA ALA E 34 5.84 18.32 22.30
C ALA E 34 4.39 17.97 22.62
N LYS E 35 3.43 18.76 22.11
CA LYS E 35 2.02 18.44 22.33
C LYS E 35 1.67 17.08 21.75
N ILE E 36 2.18 16.77 20.56
CA ILE E 36 1.93 15.45 19.97
C ILE E 36 2.49 14.35 20.86
N GLN E 37 3.67 14.58 21.45
CA GLN E 37 4.21 13.62 22.39
C GLN E 37 3.29 13.45 23.59
N ASP E 38 2.72 14.56 24.08
CA ASP E 38 1.82 14.49 25.22
C ASP E 38 0.62 13.59 24.91
N LYS E 39 0.03 13.77 23.72
CA LYS E 39 -1.18 13.02 23.37
C LYS E 39 -0.89 11.58 22.93
N GLU E 40 0.09 11.38 22.05
CA GLU E 40 0.28 10.06 21.45
C GLU E 40 1.57 9.36 21.85
N GLY E 41 2.51 10.05 22.48
CA GLY E 41 3.68 9.36 22.97
C GLY E 41 4.83 9.21 22.01
N ILE E 42 4.76 9.81 20.82
CA ILE E 42 5.86 9.75 19.85
C ILE E 42 6.84 10.87 20.19
N PRO E 43 8.10 10.56 20.45
CA PRO E 43 9.08 11.61 20.79
C PRO E 43 9.34 12.55 19.63
N PRO E 44 9.56 13.84 19.92
CA PRO E 44 9.65 14.84 18.83
C PRO E 44 10.77 14.57 17.83
N ASP E 45 11.90 14.01 18.25
CA ASP E 45 12.98 13.75 17.29
C ASP E 45 12.52 12.87 16.13
N GLN E 46 11.55 11.99 16.37
CA GLN E 46 11.05 11.10 15.33
C GLN E 46 9.89 11.69 14.53
N GLN E 47 9.39 12.87 14.90
CA GLN E 47 8.26 13.48 14.22
C GLN E 47 8.71 14.33 13.04
N ARG E 48 8.11 14.08 11.87
CA ARG E 48 8.22 14.96 10.72
C ARG E 48 6.84 15.52 10.43
N LEU E 49 6.67 16.83 10.60
CA LEU E 49 5.41 17.49 10.31
C LEU E 49 5.46 18.12 8.92
N ILE E 50 4.41 17.89 8.15
CA ILE E 50 4.30 18.32 6.76
C ILE E 50 3.01 19.12 6.60
N PHE E 51 3.12 20.31 6.00
CA PHE E 51 1.96 21.14 5.71
C PHE E 51 2.21 21.88 4.41
N ALA E 52 1.17 21.93 3.57
CA ALA E 52 1.26 22.58 2.26
C ALA E 52 2.48 22.06 1.48
N GLY E 53 2.68 20.74 1.50
CA GLY E 53 3.79 20.12 0.79
C GLY E 53 5.18 20.47 1.27
N LYS E 54 5.31 21.20 2.39
CA LYS E 54 6.61 21.60 2.92
C LYS E 54 6.79 21.06 4.33
N GLN E 55 7.97 20.48 4.59
CA GLN E 55 8.31 20.04 5.93
C GLN E 55 8.61 21.24 6.82
N LEU E 56 8.24 21.13 8.09
CA LEU E 56 8.31 22.27 8.98
C LEU E 56 9.59 22.20 9.78
N GLU E 57 10.36 23.29 9.77
CA GLU E 57 11.56 23.39 10.58
C GLU E 57 11.13 23.68 12.01
N ASP E 58 11.80 23.03 12.97
CA ASP E 58 11.47 23.21 14.38
C ASP E 58 11.57 24.65 14.85
N GLY E 59 12.37 25.48 14.16
CA GLY E 59 12.59 26.83 14.64
C GLY E 59 11.41 27.75 14.42
N ARG E 60 10.69 27.58 13.31
CA ARG E 60 9.66 28.53 12.93
C ARG E 60 8.37 28.28 13.71
N THR E 61 7.44 29.23 13.61
CA THR E 61 6.14 29.15 14.27
C THR E 61 5.02 28.84 13.27
N LEU E 62 3.84 28.54 13.82
CA LEU E 62 2.67 28.30 12.99
C LEU E 62 2.32 29.52 12.14
N SER E 63 2.41 30.72 12.72
CA SER E 63 2.16 31.94 11.95
C SER E 63 3.14 32.08 10.79
N ASP E 64 4.41 31.70 11.00
CA ASP E 64 5.40 31.71 9.92
C ASP E 64 4.99 30.86 8.73
N TYR E 65 4.29 29.77 8.98
CA TYR E 65 3.83 28.86 7.94
C TYR E 65 2.40 29.13 7.49
N ASN E 66 1.82 30.25 7.93
CA ASN E 66 0.43 30.61 7.63
C ASN E 66 -0.53 29.49 7.98
N ILE E 67 -0.26 28.80 9.09
CA ILE E 67 -1.12 27.73 9.58
C ILE E 67 -2.19 28.35 10.46
N GLN E 68 -3.45 28.17 10.08
CA GLN E 68 -4.55 28.90 10.67
C GLN E 68 -5.48 27.91 11.36
N LYS E 69 -6.52 28.45 12.00
CA LYS E 69 -7.61 27.66 12.56
C LYS E 69 -8.07 26.58 11.59
N GLU E 70 -8.19 25.36 12.10
CA GLU E 70 -8.68 24.18 11.39
C GLU E 70 -7.71 23.70 10.31
N SER E 71 -6.44 24.11 10.36
CA SER E 71 -5.45 23.64 9.40
C SER E 71 -5.08 22.18 9.71
N ALA E 72 -4.76 21.43 8.66
CA ALA E 72 -4.49 20.00 8.78
C ALA E 72 -3.04 19.70 8.42
N LEU E 73 -2.32 19.11 9.35
CA LEU E 73 -0.93 18.68 9.18
C LEU E 73 -0.86 17.18 8.95
N ILE E 74 0.23 16.76 8.30
CA ILE E 74 0.55 15.35 8.09
C ILE E 74 1.78 15.02 8.93
N LEU E 75 1.72 13.93 9.69
CA LEU E 75 2.81 13.48 10.53
C LEU E 75 3.40 12.19 9.99
N LEU E 76 4.71 12.19 9.77
CA LEU E 76 5.43 10.99 9.37
C LEU E 76 6.45 10.65 10.44
N LEU E 77 6.64 9.37 10.70
CA LEU E 77 7.55 8.91 11.73
C LEU E 77 8.79 8.31 11.09
N THR E 78 9.94 8.81 11.51
CA THR E 78 11.23 8.36 10.99
C THR E 78 12.12 8.05 12.18
N LEU E 79 12.75 6.89 12.15
CA LEU E 79 13.50 6.42 13.30
C LEU E 79 14.91 7.03 13.33
N ARG E 80 15.69 6.59 14.30
CA ARG E 80 17.09 6.96 14.44
C ARG E 80 17.95 5.88 13.83
N MET F 7 -26.01 17.69 -8.04
CA MET F 7 -24.80 17.31 -8.75
C MET F 7 -24.32 15.90 -8.45
N GLN F 8 -23.23 15.51 -9.07
CA GLN F 8 -22.81 14.12 -9.07
C GLN F 8 -21.31 14.04 -8.84
N ILE F 9 -20.88 13.14 -7.97
CA ILE F 9 -19.46 12.92 -7.75
C ILE F 9 -19.19 11.43 -7.80
N PHE F 10 -17.91 11.11 -8.01
CA PHE F 10 -17.43 9.74 -8.14
C PHE F 10 -16.46 9.45 -6.99
N VAL F 11 -16.61 8.27 -6.41
CA VAL F 11 -15.77 7.79 -5.30
C VAL F 11 -15.14 6.47 -5.69
N ASP F 12 -13.81 6.43 -5.69
CA ASP F 12 -13.02 5.26 -6.09
C ASP F 12 -12.39 4.61 -4.86
N THR F 13 -12.57 3.28 -4.70
CA THR F 13 -12.05 2.55 -3.56
C THR F 13 -11.50 1.18 -3.95
N VAL F 14 -10.49 0.73 -3.20
CA VAL F 14 -9.94 -0.59 -3.45
C VAL F 14 -11.02 -1.66 -3.37
N GLN F 15 -10.93 -2.65 -4.24
CA GLN F 15 -11.81 -3.82 -4.17
C GLN F 15 -10.94 -5.05 -4.40
N TRP F 16 -10.64 -5.73 -3.28
CA TRP F 16 -10.18 -7.11 -3.25
C TRP F 16 -11.38 -7.98 -3.41
N LYS F 17 -11.43 -8.73 -4.52
CA LYS F 17 -12.62 -9.46 -4.95
C LYS F 17 -12.35 -10.96 -4.95
N THR F 18 -13.32 -11.76 -4.52
CA THR F 18 -13.20 -13.21 -4.57
C THR F 18 -14.22 -13.75 -5.56
N ILE F 19 -13.72 -14.37 -6.63
CA ILE F 19 -14.48 -14.83 -7.77
C ILE F 19 -14.69 -16.34 -7.66
N THR F 20 -15.93 -16.76 -7.87
CA THR F 20 -16.28 -18.17 -7.90
C THR F 20 -16.41 -18.64 -9.35
N LEU F 21 -15.69 -19.73 -9.67
CA LEU F 21 -15.77 -20.36 -10.98
C LEU F 21 -16.24 -21.79 -10.82
N GLU F 22 -17.10 -22.21 -11.75
CA GLU F 22 -17.47 -23.60 -11.90
C GLU F 22 -16.51 -24.21 -12.93
N VAL F 23 -15.72 -25.20 -12.51
CA VAL F 23 -14.72 -25.82 -13.35
C VAL F 23 -14.81 -27.33 -13.18
N GLU F 24 -14.19 -28.06 -14.10
CA GLU F 24 -13.92 -29.50 -13.96
C GLU F 24 -12.43 -29.70 -13.79
N PRO F 25 -11.98 -30.72 -13.04
CA PRO F 25 -10.52 -30.89 -12.87
C PRO F 25 -9.79 -31.15 -14.19
N SER F 26 -10.48 -31.67 -15.21
CA SER F 26 -9.87 -31.86 -16.51
C SER F 26 -9.60 -30.55 -17.25
N ASP F 27 -10.22 -29.43 -16.83
CA ASP F 27 -10.05 -28.14 -17.49
C ASP F 27 -8.61 -27.64 -17.46
N THR F 28 -8.16 -27.08 -18.59
CA THR F 28 -6.81 -26.51 -18.67
C THR F 28 -6.77 -25.13 -18.02
N ILE F 29 -5.56 -24.73 -17.62
CA ILE F 29 -5.38 -23.38 -17.06
C ILE F 29 -5.82 -22.33 -18.09
N GLU F 30 -5.44 -22.52 -19.35
CA GLU F 30 -5.94 -21.64 -20.40
C GLU F 30 -7.47 -21.58 -20.41
N ASN F 31 -8.11 -22.74 -20.22
CA ASN F 31 -9.57 -22.78 -20.19
C ASN F 31 -10.14 -22.04 -18.98
N VAL F 32 -9.48 -22.16 -17.82
CA VAL F 32 -9.92 -21.42 -16.63
C VAL F 32 -9.81 -19.93 -16.86
N LYS F 33 -8.71 -19.49 -17.49
CA LYS F 33 -8.54 -18.08 -17.81
C LYS F 33 -9.65 -17.58 -18.71
N ALA F 34 -10.12 -18.42 -19.63
CA ALA F 34 -11.29 -18.06 -20.43
C ALA F 34 -12.52 -17.83 -19.55
N LYS F 35 -12.73 -18.71 -18.55
CA LYS F 35 -13.85 -18.56 -17.61
C LYS F 35 -13.75 -17.25 -16.82
N ILE F 36 -12.54 -16.91 -16.36
CA ILE F 36 -12.34 -15.61 -15.71
C ILE F 36 -12.67 -14.48 -16.67
N GLN F 37 -12.30 -14.63 -17.94
CA GLN F 37 -12.66 -13.60 -18.91
C GLN F 37 -14.16 -13.46 -19.05
N ASP F 38 -14.88 -14.58 -19.06
CA ASP F 38 -16.33 -14.54 -19.24
C ASP F 38 -17.02 -13.76 -18.12
N LYS F 39 -16.59 -14.00 -16.88
CA LYS F 39 -17.22 -13.38 -15.72
C LYS F 39 -16.81 -11.92 -15.55
N GLU F 40 -15.51 -11.65 -15.61
CA GLU F 40 -15.00 -10.33 -15.22
C GLU F 40 -14.48 -9.48 -16.37
N GLY F 41 -14.26 -10.05 -17.56
CA GLY F 41 -13.77 -9.28 -18.68
C GLY F 41 -12.27 -9.12 -18.78
N ILE F 42 -11.51 -9.84 -17.96
CA ILE F 42 -10.05 -9.74 -18.01
C ILE F 42 -9.59 -10.64 -19.15
N PRO F 43 -8.97 -10.09 -20.20
CA PRO F 43 -8.51 -10.93 -21.30
C PRO F 43 -7.38 -11.84 -20.84
N PRO F 44 -7.38 -13.10 -21.31
CA PRO F 44 -6.49 -14.11 -20.73
C PRO F 44 -5.02 -13.75 -20.77
N ASP F 45 -4.58 -13.02 -21.80
CA ASP F 45 -3.18 -12.63 -21.90
C ASP F 45 -2.71 -11.87 -20.67
N GLN F 46 -3.61 -11.10 -20.03
CA GLN F 46 -3.24 -10.27 -18.91
C GLN F 46 -3.25 -11.00 -17.58
N GLN F 47 -3.75 -12.23 -17.55
CA GLN F 47 -3.93 -12.98 -16.32
C GLN F 47 -2.73 -13.83 -15.92
N ARG F 48 -2.27 -13.65 -14.68
CA ARG F 48 -1.32 -14.54 -14.03
C ARG F 48 -2.06 -15.20 -12.85
N LEU F 49 -2.26 -16.52 -12.93
CA LEU F 49 -2.90 -17.31 -11.88
C LEU F 49 -1.85 -18.01 -11.01
N ILE F 50 -2.00 -17.90 -9.70
CA ILE F 50 -1.02 -18.39 -8.76
C ILE F 50 -1.71 -19.36 -7.81
N PHE F 51 -1.08 -20.51 -7.59
CA PHE F 51 -1.58 -21.48 -6.62
C PHE F 51 -0.41 -22.16 -5.93
N ALA F 52 -0.49 -22.28 -4.60
CA ALA F 52 0.58 -22.88 -3.83
C ALA F 52 1.93 -22.26 -4.18
N GLY F 53 1.95 -20.93 -4.31
CA GLY F 53 3.16 -20.18 -4.63
C GLY F 53 3.74 -20.37 -6.02
N LYS F 54 3.05 -21.02 -6.96
CA LYS F 54 3.58 -21.22 -8.31
C LYS F 54 2.62 -20.69 -9.37
N GLN F 55 3.18 -19.99 -10.36
CA GLN F 55 2.38 -19.58 -11.51
C GLN F 55 2.01 -20.78 -12.36
N LEU F 56 0.79 -20.76 -12.87
CA LEU F 56 0.24 -21.92 -13.53
C LEU F 56 0.43 -21.75 -15.02
N GLU F 57 1.05 -22.73 -15.64
CA GLU F 57 1.27 -22.72 -17.07
C GLU F 57 -0.01 -23.11 -17.81
N ASP F 58 -0.23 -22.47 -18.98
CA ASP F 58 -1.49 -22.60 -19.72
C ASP F 58 -1.74 -24.03 -20.20
N GLY F 59 -0.67 -24.80 -20.37
CA GLY F 59 -0.81 -26.11 -21.00
C GLY F 59 -1.42 -27.16 -20.09
N ARG F 60 -1.10 -27.09 -18.80
CA ARG F 60 -1.45 -28.09 -17.80
C ARG F 60 -2.91 -27.98 -17.38
N THR F 61 -3.39 -28.96 -16.61
CA THR F 61 -4.75 -28.96 -16.08
C THR F 61 -4.76 -28.69 -14.58
N LEU F 62 -5.96 -28.44 -14.08
CA LEU F 62 -6.15 -28.29 -12.64
C LEU F 62 -5.78 -29.58 -11.93
N SER F 63 -6.12 -30.73 -12.51
CA SER F 63 -5.74 -32.01 -11.94
C SER F 63 -4.23 -32.13 -11.81
N ASP F 64 -3.49 -31.68 -12.83
CA ASP F 64 -2.03 -31.74 -12.76
C ASP F 64 -1.48 -30.97 -11.58
N TYR F 65 -2.16 -29.92 -11.14
CA TYR F 65 -1.70 -29.09 -10.05
C TYR F 65 -2.32 -29.48 -8.70
N ASN F 66 -3.04 -30.60 -8.65
CA ASN F 66 -3.74 -31.07 -7.44
C ASN F 66 -4.66 -29.98 -6.87
N ILE F 67 -5.28 -29.23 -7.78
CA ILE F 67 -6.24 -28.20 -7.40
C ILE F 67 -7.59 -28.88 -7.34
N GLN F 68 -8.19 -28.90 -6.16
CA GLN F 68 -9.38 -29.70 -5.93
C GLN F 68 -10.53 -28.79 -5.50
N LYS F 69 -11.67 -29.41 -5.22
CA LYS F 69 -12.83 -28.70 -4.70
C LYS F 69 -12.44 -27.67 -3.65
N GLU F 70 -13.00 -26.45 -3.80
CA GLU F 70 -12.85 -25.33 -2.88
C GLU F 70 -11.44 -24.76 -2.84
N SER F 71 -10.60 -25.05 -3.84
CA SER F 71 -9.24 -24.51 -3.89
C SER F 71 -9.26 -23.02 -4.20
N ALA F 72 -8.26 -22.30 -3.67
CA ALA F 72 -8.18 -20.84 -3.78
C ALA F 72 -6.96 -20.42 -4.61
N LEU F 73 -7.22 -19.74 -5.74
CA LEU F 73 -6.20 -19.22 -6.64
C LEU F 73 -6.08 -17.71 -6.51
N ILE F 74 -4.88 -17.21 -6.82
CA ILE F 74 -4.57 -15.78 -6.86
C ILE F 74 -4.49 -15.33 -8.32
N LEU F 75 -5.19 -14.25 -8.65
CA LEU F 75 -5.12 -13.63 -9.98
C LEU F 75 -4.47 -12.25 -9.88
N LEU F 76 -3.39 -12.05 -10.63
CA LEU F 76 -2.69 -10.79 -10.76
C LEU F 76 -2.79 -10.30 -12.20
N LEU F 77 -2.87 -8.99 -12.41
CA LEU F 77 -2.97 -8.44 -13.78
C LEU F 77 -1.65 -7.83 -14.21
N THR F 78 -1.17 -8.20 -15.41
CA THR F 78 0.08 -7.64 -15.95
C THR F 78 -0.26 -7.07 -17.32
N LEU F 79 0.37 -5.96 -17.67
CA LEU F 79 0.09 -5.32 -18.96
C LEU F 79 1.37 -5.25 -19.79
N ARG F 80 1.20 -5.08 -21.10
CA ARG F 80 2.38 -5.23 -21.99
C ARG F 80 3.12 -3.93 -22.25
N MET G 7 18.53 26.51 -3.11
CA MET G 7 17.46 26.21 -2.17
C MET G 7 17.51 24.77 -1.68
N GLN G 8 16.54 24.41 -0.85
CA GLN G 8 16.56 23.13 -0.14
C GLN G 8 15.20 22.46 -0.17
N ILE G 9 15.17 21.17 -0.53
CA ILE G 9 13.96 20.39 -0.49
C ILE G 9 14.22 19.04 0.20
N PHE G 10 13.12 18.41 0.62
CA PHE G 10 13.11 17.15 1.36
C PHE G 10 12.36 16.10 0.55
N VAL G 11 12.90 14.88 0.50
CA VAL G 11 12.33 13.77 -0.25
C VAL G 11 12.08 12.62 0.71
N ASP G 12 10.82 12.20 0.80
CA ASP G 12 10.37 11.17 1.72
C ASP G 12 10.17 9.86 0.96
N THR G 13 10.79 8.78 1.45
CA THR G 13 10.76 7.47 0.79
C THR G 13 10.58 6.36 1.83
N VAL G 14 10.11 5.21 1.33
CA VAL G 14 9.79 4.07 2.20
C VAL G 14 11.06 3.30 2.53
N GLN G 15 11.47 3.36 3.78
CA GLN G 15 12.71 2.73 4.24
C GLN G 15 12.39 1.50 5.08
N TRP G 16 12.85 0.34 4.62
CA TRP G 16 12.74 -0.89 5.40
C TRP G 16 13.90 -0.90 6.38
N LYS G 17 13.70 -0.27 7.53
CA LYS G 17 14.80 -0.14 8.49
C LYS G 17 15.01 -1.45 9.24
N THR G 18 16.28 -1.77 9.48
CA THR G 18 16.70 -2.95 10.23
C THR G 18 17.43 -2.48 11.49
N ILE G 19 16.92 -2.88 12.66
CA ILE G 19 17.54 -2.54 13.94
C ILE G 19 18.32 -3.73 14.48
N THR G 20 19.59 -3.50 14.80
CA THR G 20 20.47 -4.54 15.31
C THR G 20 20.58 -4.44 16.83
N LEU G 21 20.32 -5.57 17.51
CA LEU G 21 20.38 -5.66 18.96
C LEU G 21 21.36 -6.75 19.37
N GLU G 22 22.12 -6.49 20.43
CA GLU G 22 22.89 -7.52 21.13
C GLU G 22 22.07 -7.97 22.32
N VAL G 23 21.72 -9.26 22.34
CA VAL G 23 20.82 -9.80 23.35
C VAL G 23 21.38 -11.14 23.86
N GLU G 24 20.76 -11.62 24.97
CA GLU G 24 20.93 -12.95 25.54
C GLU G 24 19.67 -13.79 25.30
N PRO G 25 19.83 -15.10 25.15
CA PRO G 25 18.63 -15.95 24.91
C PRO G 25 17.67 -15.96 26.09
N SER G 26 18.17 -15.73 27.31
CA SER G 26 17.29 -15.59 28.45
C SER G 26 16.50 -14.30 28.43
N ASP G 27 16.90 -13.30 27.62
CA ASP G 27 16.14 -12.05 27.55
C ASP G 27 14.72 -12.31 27.11
N THR G 28 13.80 -11.63 27.77
CA THR G 28 12.38 -11.63 27.47
C THR G 28 12.04 -10.64 26.37
N ILE G 29 10.87 -10.84 25.79
CA ILE G 29 10.33 -9.91 24.80
C ILE G 29 10.25 -8.51 25.38
N GLU G 30 9.83 -8.40 26.64
CA GLU G 30 9.84 -7.13 27.35
C GLU G 30 11.22 -6.49 27.40
N ASN G 31 12.28 -7.30 27.60
CA ASN G 31 13.64 -6.76 27.61
C ASN G 31 14.05 -6.25 26.23
N VAL G 32 13.75 -7.04 25.19
CA VAL G 32 14.04 -6.64 23.82
C VAL G 32 13.33 -5.33 23.49
N LYS G 33 12.08 -5.19 23.91
CA LYS G 33 11.37 -3.94 23.65
C LYS G 33 12.05 -2.76 24.34
N ALA G 34 12.53 -2.96 25.58
CA ALA G 34 13.25 -1.92 26.30
C ALA G 34 14.54 -1.55 25.59
N LYS G 35 15.26 -2.56 25.08
CA LYS G 35 16.45 -2.29 24.28
C LYS G 35 16.12 -1.47 23.03
N ILE G 36 14.98 -1.75 22.40
CA ILE G 36 14.51 -0.93 21.27
C ILE G 36 14.25 0.51 21.73
N GLN G 37 13.70 0.69 22.93
CA GLN G 37 13.50 2.05 23.45
C GLN G 37 14.81 2.82 23.60
N ASP G 38 15.87 2.16 24.09
CA ASP G 38 17.15 2.86 24.25
C ASP G 38 17.70 3.30 22.91
N LYS G 39 17.64 2.43 21.89
CA LYS G 39 18.24 2.72 20.59
C LYS G 39 17.38 3.68 19.77
N GLU G 40 16.07 3.43 19.65
CA GLU G 40 15.22 4.18 18.73
C GLU G 40 14.21 5.09 19.41
N GLY G 41 13.97 4.93 20.71
CA GLY G 41 13.09 5.82 21.46
C GLY G 41 11.58 5.53 21.46
N ILE G 42 11.15 4.42 20.89
CA ILE G 42 9.72 4.08 20.83
C ILE G 42 9.34 3.40 22.14
N PRO G 43 8.40 3.94 22.91
CA PRO G 43 8.05 3.32 24.21
C PRO G 43 7.49 1.92 24.03
N PRO G 44 7.89 0.98 24.89
CA PRO G 44 7.60 -0.46 24.63
C PRO G 44 6.12 -0.76 24.50
N ASP G 45 5.25 0.00 25.17
CA ASP G 45 3.82 -0.21 25.00
C ASP G 45 3.41 -0.07 23.53
N GLN G 46 4.10 0.77 22.78
CA GLN G 46 3.77 1.02 21.39
C GLN G 46 4.43 0.04 20.42
N GLN G 47 5.26 -0.87 20.90
CA GLN G 47 5.95 -1.85 20.07
C GLN G 47 5.12 -3.11 19.95
N ARG G 48 4.95 -3.63 18.74
CA ARG G 48 4.47 -5.00 18.54
C ARG G 48 5.53 -5.77 17.77
N LEU G 49 6.08 -6.82 18.37
CA LEU G 49 7.07 -7.66 17.71
C LEU G 49 6.42 -8.93 17.16
N ILE G 50 6.78 -9.29 15.94
CA ILE G 50 6.21 -10.45 15.28
C ILE G 50 7.36 -11.32 14.81
N PHE G 51 7.27 -12.61 15.11
CA PHE G 51 8.26 -13.58 14.69
C PHE G 51 7.53 -14.86 14.36
N ALA G 52 7.94 -15.51 13.25
CA ALA G 52 7.38 -16.79 12.81
C ALA G 52 5.85 -16.76 12.78
N GLY G 53 5.30 -15.66 12.27
CA GLY G 53 3.86 -15.51 12.14
C GLY G 53 3.07 -15.43 13.41
N LYS G 54 3.71 -15.29 14.57
CA LYS G 54 3.02 -15.15 15.84
C LYS G 54 3.53 -13.92 16.59
N GLN G 55 2.61 -13.18 17.21
CA GLN G 55 3.03 -12.06 18.03
C GLN G 55 3.61 -12.53 19.34
N LEU G 56 4.60 -11.78 19.81
CA LEU G 56 5.42 -12.16 20.96
C LEU G 56 4.89 -11.50 22.22
N GLU G 57 4.66 -12.31 23.26
CA GLU G 57 4.19 -11.89 24.58
C GLU G 57 5.31 -11.23 25.38
N ASP G 58 4.95 -10.25 26.21
CA ASP G 58 5.97 -9.53 26.99
C ASP G 58 6.68 -10.44 27.99
N GLY G 59 6.01 -11.51 28.43
CA GLY G 59 6.56 -12.35 29.48
C GLY G 59 7.59 -13.38 29.03
N ARG G 60 7.43 -13.94 27.83
CA ARG G 60 8.25 -15.07 27.41
C ARG G 60 9.64 -14.60 26.96
N THR G 61 10.54 -15.58 26.78
CA THR G 61 11.92 -15.33 26.40
C THR G 61 12.19 -15.66 24.93
N LEU G 62 13.36 -15.22 24.46
CA LEU G 62 13.79 -15.53 23.11
C LEU G 62 13.93 -17.03 22.91
N SER G 63 14.50 -17.73 23.89
CA SER G 63 14.60 -19.17 23.80
C SER G 63 13.21 -19.80 23.66
N ASP G 64 12.23 -19.28 24.41
CA ASP G 64 10.86 -19.80 24.36
C ASP G 64 10.29 -19.79 22.94
N TYR G 65 10.68 -18.82 22.11
CA TYR G 65 10.19 -18.73 20.74
C TYR G 65 11.15 -19.35 19.73
N ASN G 66 12.18 -20.05 20.21
CA ASN G 66 13.23 -20.61 19.36
C ASN G 66 13.88 -19.54 18.46
N ILE G 67 14.06 -18.34 18.99
CA ILE G 67 14.73 -17.25 18.27
C ILE G 67 16.23 -17.33 18.51
N GLN G 68 16.99 -17.52 17.44
CA GLN G 68 18.40 -17.84 17.59
C GLN G 68 19.25 -16.72 16.98
N LYS G 69 20.56 -16.91 17.05
CA LYS G 69 21.52 -16.01 16.42
C LYS G 69 21.06 -15.63 15.02
N GLU G 70 21.14 -14.32 14.73
CA GLU G 70 20.88 -13.77 13.40
C GLU G 70 19.40 -13.87 13.00
N SER G 71 18.51 -14.13 13.95
CA SER G 71 17.09 -14.20 13.63
C SER G 71 16.55 -12.81 13.34
N ALA G 72 15.51 -12.76 12.50
CA ALA G 72 14.91 -11.52 12.02
C ALA G 72 13.49 -11.39 12.54
N LEU G 73 13.23 -10.33 13.32
CA LEU G 73 11.91 -10.02 13.83
C LEU G 73 11.31 -8.84 13.07
N ILE G 74 9.98 -8.77 13.09
CA ILE G 74 9.23 -7.67 12.49
C ILE G 74 8.64 -6.81 13.61
N LEU G 75 8.82 -5.51 13.51
CA LEU G 75 8.34 -4.53 14.46
C LEU G 75 7.19 -3.71 13.88
N LEU G 76 6.06 -3.66 14.59
CA LEU G 76 4.97 -2.76 14.24
C LEU G 76 4.82 -1.73 15.36
N LEU G 77 4.54 -0.50 14.98
CA LEU G 77 4.40 0.58 15.95
C LEU G 77 2.92 0.91 16.06
N THR G 78 2.51 1.39 17.23
CA THR G 78 1.13 1.72 17.53
C THR G 78 1.10 3.12 18.13
N LEU G 79 0.11 3.92 17.74
CA LEU G 79 0.06 5.31 18.16
C LEU G 79 -1.03 5.56 19.19
N GLY H 6 26.53 -13.66 24.42
CA GLY H 6 26.37 -12.40 23.73
C GLY H 6 26.05 -12.55 22.25
N MET H 7 24.76 -12.68 21.92
CA MET H 7 24.32 -12.92 20.55
C MET H 7 23.69 -11.67 19.93
N GLN H 8 23.26 -11.81 18.68
CA GLN H 8 22.87 -10.69 17.83
C GLN H 8 21.61 -11.05 17.06
N ILE H 9 20.60 -10.16 17.10
CA ILE H 9 19.35 -10.31 16.36
C ILE H 9 19.01 -9.00 15.67
N PHE H 10 18.13 -9.11 14.66
CA PHE H 10 17.73 -7.96 13.85
C PHE H 10 16.23 -7.73 13.94
N VAL H 11 15.84 -6.46 14.05
CA VAL H 11 14.43 -6.05 14.16
C VAL H 11 14.10 -5.14 13.00
N ASP H 12 13.20 -5.58 12.13
CA ASP H 12 12.85 -4.84 10.92
C ASP H 12 11.54 -4.11 11.08
N THR H 13 11.56 -2.82 10.75
CA THR H 13 10.37 -1.99 10.78
C THR H 13 10.36 -1.14 9.50
N VAL H 14 9.19 -0.99 8.91
CA VAL H 14 9.00 -0.21 7.70
C VAL H 14 8.52 1.17 8.08
N GLN H 15 9.32 2.19 7.79
CA GLN H 15 8.95 3.55 8.15
C GLN H 15 9.36 4.46 7.01
N TRP H 16 9.24 5.74 7.25
CA TRP H 16 9.51 6.75 6.23
C TRP H 16 10.89 7.34 6.43
N LYS H 17 11.67 7.44 5.34
CA LYS H 17 13.00 8.03 5.33
C LYS H 17 12.97 9.40 4.64
N THR H 18 13.76 10.34 5.16
CA THR H 18 13.85 11.68 4.59
C THR H 18 15.23 11.94 4.01
N ILE H 19 15.26 12.25 2.72
CA ILE H 19 16.48 12.61 2.01
C ILE H 19 16.46 14.11 1.80
N THR H 20 17.54 14.79 2.18
CA THR H 20 17.62 16.24 2.00
C THR H 20 18.45 16.58 0.76
N LEU H 21 17.89 17.42 -0.11
CA LEU H 21 18.57 17.85 -1.32
C LEU H 21 18.71 19.37 -1.34
N GLU H 22 19.86 19.83 -1.82
CA GLU H 22 20.06 21.22 -2.19
C GLU H 22 19.92 21.32 -3.71
N VAL H 23 18.95 22.11 -4.17
CA VAL H 23 18.63 22.24 -5.59
C VAL H 23 18.37 23.70 -5.94
N GLU H 24 18.32 23.97 -7.23
CA GLU H 24 17.84 25.21 -7.79
C GLU H 24 16.49 24.99 -8.47
N PRO H 25 15.59 25.98 -8.46
CA PRO H 25 14.27 25.80 -9.09
C PRO H 25 14.31 25.51 -10.59
N SER H 26 15.37 25.93 -11.29
CA SER H 26 15.50 25.63 -12.72
C SER H 26 15.79 24.17 -13.00
N ASP H 27 16.24 23.40 -11.99
CA ASP H 27 16.63 22.01 -12.20
C ASP H 27 15.46 21.18 -12.74
N THR H 28 15.77 20.29 -13.69
CA THR H 28 14.73 19.40 -14.19
C THR H 28 14.51 18.24 -13.23
N ILE H 29 13.34 17.61 -13.35
CA ILE H 29 13.06 16.42 -12.54
C ILE H 29 14.10 15.35 -12.81
N GLU H 30 14.47 15.16 -14.08
CA GLU H 30 15.55 14.25 -14.45
C GLU H 30 16.84 14.56 -13.67
N ASN H 31 17.14 15.85 -13.50
CA ASN H 31 18.34 16.25 -12.77
C ASN H 31 18.24 15.91 -11.29
N VAL H 32 17.05 16.13 -10.69
CA VAL H 32 16.85 15.79 -9.28
C VAL H 32 17.05 14.30 -9.06
N LYS H 33 16.55 13.47 -9.98
CA LYS H 33 16.73 12.03 -9.85
C LYS H 33 18.22 11.66 -9.84
N ALA H 34 19.03 12.37 -10.63
CA ALA H 34 20.47 12.15 -10.58
C ALA H 34 21.05 12.51 -9.21
N LYS H 35 20.60 13.63 -8.63
CA LYS H 35 21.05 14.00 -7.30
C LYS H 35 20.68 12.93 -6.27
N ILE H 36 19.48 12.37 -6.38
CA ILE H 36 19.08 11.28 -5.49
C ILE H 36 19.98 10.06 -5.70
N GLN H 37 20.33 9.78 -6.95
CA GLN H 37 21.27 8.71 -7.23
C GLN H 37 22.59 8.95 -6.53
N ASP H 38 23.04 10.21 -6.50
CA ASP H 38 24.29 10.52 -5.84
C ASP H 38 24.24 10.15 -4.36
N LYS H 39 23.13 10.48 -3.68
CA LYS H 39 23.05 10.26 -2.24
C LYS H 39 22.76 8.80 -1.88
N GLU H 40 21.74 8.19 -2.50
CA GLU H 40 21.24 6.91 -2.05
C GLU H 40 21.47 5.76 -3.02
N GLY H 41 21.88 6.04 -4.25
CA GLY H 41 22.22 5.00 -5.22
C GLY H 41 21.08 4.44 -6.05
N ILE H 42 19.90 5.05 -6.00
CA ILE H 42 18.75 4.54 -6.75
C ILE H 42 18.83 5.01 -8.20
N PRO H 43 18.88 4.11 -9.18
CA PRO H 43 18.95 4.53 -10.60
C PRO H 43 17.71 5.30 -11.02
N PRO H 44 17.87 6.37 -11.82
CA PRO H 44 16.74 7.29 -12.09
C PRO H 44 15.55 6.65 -12.77
N ASP H 45 15.77 5.63 -13.61
CA ASP H 45 14.64 4.96 -14.25
C ASP H 45 13.68 4.36 -13.23
N GLN H 46 14.17 3.94 -12.07
CA GLN H 46 13.34 3.29 -11.05
C GLN H 46 12.64 4.27 -10.10
N GLN H 47 12.92 5.56 -10.18
CA GLN H 47 12.35 6.55 -9.27
C GLN H 47 11.04 7.13 -9.81
N ARG H 48 10.01 7.13 -8.97
CA ARG H 48 8.76 7.85 -9.26
C ARG H 48 8.59 8.95 -8.20
N LEU H 49 8.68 10.20 -8.63
CA LEU H 49 8.53 11.33 -7.71
C LEU H 49 7.10 11.84 -7.75
N ILE H 50 6.52 12.05 -6.58
CA ILE H 50 5.12 12.45 -6.45
C ILE H 50 5.04 13.72 -5.63
N PHE H 51 4.33 14.71 -6.14
CA PHE H 51 4.08 15.94 -5.44
C PHE H 51 2.68 16.43 -5.78
N ALA H 52 1.97 16.91 -4.77
CA ALA H 52 0.58 17.36 -4.91
C ALA H 52 -0.27 16.29 -5.58
N GLY H 53 -0.06 15.04 -5.17
CA GLY H 53 -0.80 13.92 -5.72
C GLY H 53 -0.55 13.60 -7.18
N LYS H 54 0.43 14.25 -7.83
CA LYS H 54 0.71 14.02 -9.24
C LYS H 54 2.16 13.57 -9.44
N GLN H 55 2.36 12.55 -10.26
CA GLN H 55 3.70 12.14 -10.61
C GLN H 55 4.32 13.16 -11.55
N LEU H 56 5.64 13.31 -11.41
CA LEU H 56 6.41 14.34 -12.11
C LEU H 56 7.11 13.74 -13.32
N GLU H 57 6.97 14.41 -14.46
CA GLU H 57 7.67 14.02 -15.69
C GLU H 57 9.13 14.46 -15.66
N ASP H 58 9.99 13.63 -16.25
CA ASP H 58 11.43 13.91 -16.23
C ASP H 58 11.79 15.18 -17.00
N GLY H 59 10.94 15.59 -17.95
CA GLY H 59 11.22 16.76 -18.76
C GLY H 59 11.03 18.11 -18.09
N ARG H 60 10.01 18.24 -17.22
CA ARG H 60 9.67 19.53 -16.67
C ARG H 60 10.63 19.91 -15.53
N THR H 61 10.54 21.17 -15.10
CA THR H 61 11.37 21.70 -14.02
C THR H 61 10.55 21.84 -12.75
N LEU H 62 11.27 22.05 -11.64
CA LEU H 62 10.61 22.24 -10.34
C LEU H 62 9.71 23.47 -10.34
N SER H 63 10.17 24.57 -10.93
CA SER H 63 9.34 25.77 -11.01
C SER H 63 8.05 25.50 -11.77
N ASP H 64 8.12 24.69 -12.84
CA ASP H 64 6.93 24.34 -13.61
C ASP H 64 5.84 23.73 -12.73
N TYR H 65 6.23 23.00 -11.68
CA TYR H 65 5.29 22.39 -10.75
C TYR H 65 5.05 23.26 -9.51
N ASN H 66 5.56 24.49 -9.50
CA ASN H 66 5.49 25.39 -8.36
C ASN H 66 6.08 24.77 -7.09
N ILE H 67 7.18 24.04 -7.25
CA ILE H 67 7.89 23.44 -6.12
C ILE H 67 8.88 24.44 -5.54
N GLN H 68 8.72 24.76 -4.25
CA GLN H 68 9.39 25.89 -3.61
C GLN H 68 10.32 25.41 -2.49
N LYS H 69 10.92 26.40 -1.82
CA LYS H 69 11.71 26.23 -0.60
C LYS H 69 11.05 25.29 0.39
N GLU H 70 11.84 24.33 0.90
CA GLU H 70 11.44 23.42 1.98
C GLU H 70 10.35 22.43 1.56
N SER H 71 10.15 22.21 0.26
CA SER H 71 9.09 21.32 -0.21
C SER H 71 9.39 19.85 0.11
N ALA H 72 8.32 19.07 0.29
CA ALA H 72 8.42 17.66 0.65
C ALA H 72 7.83 16.82 -0.47
N LEU H 73 8.65 16.01 -1.10
CA LEU H 73 8.25 15.11 -2.19
C LEU H 73 8.18 13.68 -1.69
N ILE H 74 7.43 12.85 -2.39
CA ILE H 74 7.34 11.44 -2.06
C ILE H 74 8.02 10.63 -3.16
N LEU H 75 8.92 9.74 -2.76
CA LEU H 75 9.64 8.87 -3.68
C LEU H 75 9.11 7.45 -3.53
N LEU H 76 8.66 6.87 -4.63
CA LEU H 76 8.26 5.47 -4.68
C LEU H 76 9.15 4.73 -5.67
N LEU H 77 9.45 3.47 -5.41
CA LEU H 77 10.35 2.73 -6.27
C LEU H 77 9.58 1.69 -7.08
N THR H 78 9.68 1.76 -8.41
CA THR H 78 9.00 0.83 -9.31
C THR H 78 9.89 0.40 -10.48
N LEU H 79 9.56 -0.75 -11.06
CA LEU H 79 10.20 -1.17 -12.31
C LEU H 79 9.23 -0.93 -13.47
#